data_3FBQ
#
_entry.id   3FBQ
#
_cell.length_a   101.406
_cell.length_b   101.406
_cell.length_c   101.406
_cell.angle_alpha   90.00
_cell.angle_beta   90.00
_cell.angle_gamma   90.00
#
_symmetry.space_group_name_H-M   'P 21 3'
#
loop_
_entity.id
_entity.type
_entity.pdbx_description
1 polymer 'Conserved domain protein'
2 water water
#
_entity_poly.entity_id   1
_entity_poly.type   'polypeptide(L)'
_entity_poly.pdbx_seq_one_letter_code
;GGLPIVGDIFRFLDNGRTGLYENYKEFSTELNMTRESNGVKVTINDVISDGRTLSITYSLESEQDLGDDPIILGGLDIMD
AHGSSGSGKMTKVTEKKYVGMVTTTHHDSNKKDKVNFRWNIEGIEIPDRKKSIQGHWNFALTVKSMDSKERTIGGSSEKE
GIKANMEKVAMSPVSFILYYNQEVSKGARKEWDSVDVELTVKDDLGNDYSGEGNGGSGNDPYNIRWSATFQKLNENATKL
IVTPRVHLRVHTPENHGGVEYVNGKEKKIEVPNKEAKKKDIVLDDIVIDLKK
;
_entity_poly.pdbx_strand_id   A
#
# COMPACT_ATOMS: atom_id res chain seq x y z
N PRO A 4 6.30 -1.03 -26.06
CA PRO A 4 6.96 -2.34 -25.98
C PRO A 4 7.44 -2.64 -24.55
N ILE A 5 8.09 -3.79 -24.38
CA ILE A 5 7.82 -4.64 -23.23
C ILE A 5 6.33 -4.92 -23.09
N VAL A 6 5.76 -4.49 -21.97
CA VAL A 6 4.30 -4.57 -21.76
C VAL A 6 3.83 -3.15 -21.88
N GLY A 7 2.68 -2.99 -22.51
CA GLY A 7 2.19 -1.70 -22.88
C GLY A 7 1.77 -0.83 -21.73
N ASP A 8 1.09 -1.40 -20.75
CA ASP A 8 0.65 -0.62 -19.60
C ASP A 8 1.14 -1.36 -18.32
N ILE A 9 2.25 -0.91 -17.73
CA ILE A 9 2.75 -1.73 -16.65
C ILE A 9 1.79 -1.73 -15.44
N PHE A 10 1.11 -0.62 -15.21
CA PHE A 10 0.20 -0.51 -14.07
C PHE A 10 -0.88 -1.59 -14.06
N ARG A 11 -1.55 -1.82 -15.20
CA ARG A 11 -2.55 -2.86 -15.32
C ARG A 11 -1.85 -4.22 -15.34
N PHE A 12 -0.67 -4.32 -15.96
CA PHE A 12 -0.05 -5.60 -16.02
C PHE A 12 0.22 -6.12 -14.62
N LEU A 13 0.45 -5.20 -13.72
CA LEU A 13 0.80 -5.52 -12.37
C LEU A 13 -0.34 -5.64 -11.38
N ASP A 14 -1.57 -5.45 -11.85
CA ASP A 14 -2.68 -5.27 -10.97
C ASP A 14 -3.57 -6.54 -10.95
N ASN A 15 -3.26 -7.48 -10.05
CA ASN A 15 -3.69 -8.94 -10.05
C ASN A 15 -4.17 -9.44 -8.65
N GLY A 16 -5.01 -10.47 -8.49
CA GLY A 16 -6.14 -10.89 -9.37
C GLY A 16 -7.46 -10.27 -8.87
N ARG A 17 -7.49 -9.80 -7.59
CA ARG A 17 -8.38 -8.65 -7.19
C ARG A 17 -7.73 -7.39 -7.81
N THR A 18 -8.58 -6.63 -8.52
CA THR A 18 -8.21 -5.81 -9.67
C THR A 18 -9.11 -4.53 -9.73
N GLY A 19 -8.53 -3.43 -10.29
CA GLY A 19 -9.23 -2.17 -10.46
C GLY A 19 -8.42 -0.91 -10.17
N LEU A 20 -7.64 -0.88 -9.08
CA LEU A 20 -7.04 0.35 -8.63
C LEU A 20 -6.24 1.06 -9.74
N TYR A 21 -5.32 0.32 -10.37
CA TYR A 21 -4.41 0.94 -11.34
C TYR A 21 -4.99 1.21 -12.71
N GLU A 22 -6.20 0.71 -12.88
CA GLU A 22 -6.89 0.84 -14.14
C GLU A 22 -6.69 2.20 -14.89
N ASN A 23 -6.79 3.35 -14.21
CA ASN A 23 -6.58 4.64 -14.92
C ASN A 23 -5.29 5.34 -14.73
N TYR A 24 -4.29 4.63 -14.25
CA TYR A 24 -3.04 5.28 -13.92
C TYR A 24 -2.19 5.69 -15.16
N LYS A 25 -2.09 4.84 -16.16
CA LYS A 25 -1.19 5.18 -17.26
C LYS A 25 -1.68 6.41 -17.96
N GLU A 26 -2.99 6.56 -18.06
CA GLU A 26 -3.49 7.58 -18.93
C GLU A 26 -3.22 8.93 -18.27
N PHE A 27 -3.15 8.90 -16.96
CA PHE A 27 -2.96 10.10 -16.24
C PHE A 27 -1.52 10.25 -15.91
N SER A 28 -0.76 9.25 -16.31
CA SER A 28 0.69 9.32 -16.13
C SER A 28 1.48 10.17 -17.09
N THR A 29 2.67 10.54 -16.64
CA THR A 29 3.64 11.22 -17.47
C THR A 29 4.61 10.15 -17.86
N GLU A 30 4.69 9.97 -19.17
CA GLU A 30 5.49 8.93 -19.73
C GLU A 30 6.88 9.47 -19.84
N LEU A 31 7.88 8.78 -19.30
CA LEU A 31 9.20 9.29 -19.61
C LEU A 31 10.25 8.39 -20.24
N ASN A 32 10.18 7.09 -20.02
CA ASN A 32 11.11 6.25 -20.74
C ASN A 32 12.53 6.81 -20.67
N MET A 33 12.89 7.43 -19.57
CA MET A 33 14.27 7.84 -19.34
C MET A 33 15.16 6.65 -18.84
N THR A 34 16.31 6.46 -19.48
CA THR A 34 17.14 5.27 -19.28
C THR A 34 18.51 5.52 -18.62
N ARG A 35 18.94 4.57 -17.80
CA ARG A 35 20.27 4.48 -17.23
C ARG A 35 20.88 3.10 -17.51
N GLU A 36 22.14 3.08 -17.95
CA GLU A 36 22.79 1.79 -18.21
C GLU A 36 24.23 1.56 -17.74
N SER A 37 24.46 0.62 -16.82
CA SER A 37 25.82 0.22 -16.41
C SER A 37 25.82 -1.30 -16.34
N ASN A 38 26.98 -1.90 -16.52
CA ASN A 38 27.21 -3.29 -16.20
C ASN A 38 26.34 -4.32 -16.80
N GLY A 39 25.95 -4.14 -18.03
CA GLY A 39 25.04 -5.06 -18.66
C GLY A 39 23.57 -4.86 -18.29
N VAL A 40 23.27 -3.87 -17.44
CA VAL A 40 21.91 -3.65 -16.98
C VAL A 40 21.32 -2.24 -17.36
N LYS A 41 20.28 -2.25 -18.18
CA LYS A 41 19.57 -1.08 -18.59
C LYS A 41 18.35 -0.95 -17.72
N VAL A 42 18.27 0.09 -16.87
CA VAL A 42 17.04 0.42 -16.13
C VAL A 42 16.33 1.64 -16.76
N THR A 43 15.03 1.48 -17.11
CA THR A 43 14.16 2.52 -17.62
C THR A 43 13.08 2.82 -16.64
N ILE A 44 12.76 4.10 -16.48
CA ILE A 44 11.69 4.52 -15.59
C ILE A 44 10.52 5.10 -16.37
N ASN A 45 9.50 4.27 -16.57
CA ASN A 45 8.53 4.49 -17.65
C ASN A 45 7.48 5.53 -17.28
N ASP A 46 6.38 5.06 -16.70
CA ASP A 46 5.28 5.95 -16.34
C ASP A 46 5.51 6.59 -14.97
N VAL A 47 5.12 7.85 -14.84
CA VAL A 47 5.27 8.57 -13.58
C VAL A 47 3.99 9.30 -13.21
N ILE A 48 3.67 9.32 -11.91
CA ILE A 48 2.42 9.92 -11.43
C ILE A 48 2.46 10.10 -9.91
N SER A 49 1.73 11.08 -9.42
CA SER A 49 1.79 11.49 -8.02
C SER A 49 0.44 12.06 -7.62
N ASP A 50 -0.08 11.39 -6.61
CA ASP A 50 -1.37 11.65 -5.93
C ASP A 50 -1.33 13.05 -5.41
N GLY A 51 -0.16 13.61 -5.18
CA GLY A 51 -0.06 14.58 -4.08
C GLY A 51 0.30 13.86 -2.79
N ARG A 52 -0.18 12.62 -2.66
CA ARG A 52 0.09 11.90 -1.44
C ARG A 52 1.14 10.86 -1.71
N THR A 53 0.94 10.13 -2.82
CA THR A 53 1.78 8.99 -3.11
C THR A 53 2.38 9.11 -4.54
N LEU A 54 3.60 8.63 -4.73
CA LEU A 54 4.26 8.74 -6.03
C LEU A 54 4.46 7.33 -6.52
N SER A 55 4.01 7.06 -7.73
CA SER A 55 4.09 5.70 -8.22
C SER A 55 4.81 5.80 -9.51
N ILE A 56 5.67 4.82 -9.68
CA ILE A 56 6.61 4.79 -10.75
C ILE A 56 6.66 3.39 -11.35
N THR A 57 6.89 3.37 -12.65
CA THR A 57 6.83 2.18 -13.44
C THR A 57 8.19 2.03 -14.12
N TYR A 58 8.72 0.82 -14.19
CA TYR A 58 10.03 0.71 -14.77
C TYR A 58 10.24 -0.59 -15.47
N SER A 59 11.28 -0.64 -16.29
CA SER A 59 11.79 -1.88 -16.85
C SER A 59 13.19 -2.14 -16.43
N LEU A 60 13.58 -3.39 -16.52
CA LEU A 60 14.87 -3.77 -16.12
C LEU A 60 15.26 -4.80 -17.19
N GLU A 61 16.35 -4.54 -17.92
CA GLU A 61 16.81 -5.41 -18.98
C GLU A 61 18.25 -5.70 -18.77
N SER A 62 18.63 -6.96 -18.99
CA SER A 62 19.95 -7.38 -18.75
C SER A 62 20.58 -8.25 -19.82
N GLU A 63 21.85 -8.57 -19.64
CA GLU A 63 22.63 -9.23 -20.68
C GLU A 63 22.68 -10.73 -20.46
N GLN A 64 21.82 -11.24 -19.59
CA GLN A 64 22.18 -12.30 -18.66
C GLN A 64 21.16 -12.43 -17.55
N ASP A 65 20.90 -13.66 -17.13
CA ASP A 65 19.64 -14.01 -16.46
C ASP A 65 19.52 -13.28 -15.12
N LEU A 66 18.37 -12.64 -14.91
CA LEU A 66 18.00 -12.16 -13.58
C LEU A 66 17.38 -13.29 -12.75
N GLY A 67 16.93 -14.34 -13.42
CA GLY A 67 16.23 -15.41 -12.78
C GLY A 67 14.83 -14.96 -12.41
N ASP A 68 14.35 -15.47 -11.27
CA ASP A 68 12.94 -15.49 -10.92
C ASP A 68 12.51 -14.37 -10.00
N ASP A 69 13.42 -13.93 -9.14
CA ASP A 69 13.06 -12.89 -8.21
C ASP A 69 14.23 -11.95 -7.94
N PRO A 70 14.56 -11.12 -8.95
CA PRO A 70 15.71 -10.23 -8.74
C PRO A 70 15.42 -9.22 -7.61
N ILE A 71 16.44 -8.83 -6.85
CA ILE A 71 16.21 -7.86 -5.78
C ILE A 71 16.86 -6.50 -6.05
N ILE A 72 16.04 -5.45 -6.15
CA ILE A 72 16.58 -4.11 -6.35
C ILE A 72 17.18 -3.67 -5.02
N LEU A 73 18.50 -3.46 -4.98
CA LEU A 73 19.16 -2.78 -3.88
C LEU A 73 19.25 -1.26 -4.11
N GLY A 74 18.68 -0.47 -3.20
CA GLY A 74 18.65 0.98 -3.30
C GLY A 74 17.29 1.50 -2.86
N GLY A 75 16.80 2.62 -3.34
CA GLY A 75 15.58 3.16 -2.79
C GLY A 75 15.03 4.30 -3.56
N LEU A 76 13.72 4.43 -3.54
CA LEU A 76 13.10 5.56 -4.12
C LEU A 76 12.95 6.47 -2.90
N ASP A 77 13.36 7.74 -3.00
CA ASP A 77 13.33 8.64 -1.86
C ASP A 77 12.75 9.97 -2.23
N ILE A 78 11.80 10.41 -1.44
CA ILE A 78 11.25 11.72 -1.61
C ILE A 78 12.03 12.74 -0.74
N MET A 79 12.54 13.78 -1.36
CA MET A 79 13.09 14.91 -0.65
C MET A 79 12.03 15.53 0.23
N ASP A 80 12.38 15.84 1.49
CA ASP A 80 11.48 16.56 2.41
C ASP A 80 10.18 15.77 2.66
N ALA A 81 10.25 14.46 2.46
CA ALA A 81 9.16 13.59 2.90
C ALA A 81 9.24 13.79 4.39
N HIS A 82 8.13 13.76 5.09
CA HIS A 82 8.39 13.77 6.49
C HIS A 82 8.63 12.32 6.88
N GLY A 83 7.66 11.53 7.22
CA GLY A 83 8.09 10.10 7.18
C GLY A 83 7.93 9.63 5.75
N SER A 84 8.18 8.37 5.50
CA SER A 84 7.69 7.81 4.25
C SER A 84 7.47 6.32 4.35
N SER A 85 6.47 5.83 3.61
CA SER A 85 6.33 4.40 3.38
C SER A 85 6.22 4.01 1.91
N GLY A 86 6.26 2.71 1.60
CA GLY A 86 6.25 2.32 0.19
C GLY A 86 6.11 0.85 0.00
N SER A 87 6.10 0.45 -1.26
CA SER A 87 5.90 -0.89 -1.74
C SER A 87 6.60 -1.05 -3.07
N GLY A 88 6.93 -2.27 -3.45
CA GLY A 88 7.34 -2.52 -4.82
C GLY A 88 7.05 -3.96 -5.19
N LYS A 89 6.63 -4.14 -6.45
CA LYS A 89 6.40 -5.36 -7.18
C LYS A 89 7.31 -5.40 -8.42
N MET A 90 7.57 -6.59 -8.93
CA MET A 90 8.26 -6.77 -10.15
C MET A 90 7.82 -8.13 -10.75
N THR A 91 7.86 -8.21 -12.08
CA THR A 91 7.34 -9.36 -12.73
C THR A 91 8.19 -9.63 -13.96
N LYS A 92 8.44 -10.91 -14.21
CA LYS A 92 9.20 -11.37 -15.36
C LYS A 92 8.38 -11.33 -16.60
N VAL A 93 8.99 -10.93 -17.70
CA VAL A 93 8.34 -10.87 -19.00
C VAL A 93 9.18 -11.67 -19.98
N THR A 94 10.47 -11.82 -19.68
CA THR A 94 11.47 -12.58 -20.46
C THR A 94 12.52 -12.86 -19.42
N GLU A 95 13.41 -13.83 -19.64
CA GLU A 95 14.52 -13.92 -18.64
C GLU A 95 15.57 -12.76 -18.65
N LYS A 96 15.47 -11.83 -19.59
CA LYS A 96 16.25 -10.56 -19.50
C LYS A 96 15.36 -9.32 -19.38
N LYS A 97 14.04 -9.51 -19.31
CA LYS A 97 13.16 -8.37 -19.14
C LYS A 97 12.26 -8.53 -17.97
N TYR A 98 12.16 -7.45 -17.25
CA TYR A 98 11.39 -7.40 -16.08
C TYR A 98 10.65 -6.11 -16.08
N VAL A 99 9.39 -6.10 -15.71
CA VAL A 99 8.75 -4.78 -15.46
C VAL A 99 8.28 -4.73 -14.01
N GLY A 100 8.28 -3.54 -13.41
CA GLY A 100 7.87 -3.41 -12.03
C GLY A 100 7.30 -2.07 -11.68
N MET A 101 6.94 -1.93 -10.43
CA MET A 101 6.36 -0.63 -9.99
C MET A 101 6.97 -0.34 -8.64
N VAL A 102 7.44 0.87 -8.43
CA VAL A 102 7.69 1.30 -7.02
C VAL A 102 6.80 2.50 -6.60
N THR A 103 6.38 2.45 -5.34
CA THR A 103 5.37 3.30 -4.79
C THR A 103 5.94 3.96 -3.55
N THR A 104 5.92 5.28 -3.40
CA THR A 104 6.29 5.85 -2.09
C THR A 104 5.24 6.85 -1.55
N THR A 105 4.93 6.76 -0.27
CA THR A 105 3.97 7.62 0.36
C THR A 105 4.67 8.49 1.40
N HIS A 106 4.60 9.80 1.26
CA HIS A 106 5.19 10.65 2.25
C HIS A 106 4.15 10.91 3.41
N HIS A 107 4.60 11.34 4.59
CA HIS A 107 3.68 11.67 5.73
C HIS A 107 3.88 13.10 6.21
N ASP A 108 4.15 13.94 5.25
CA ASP A 108 4.05 15.34 5.41
C ASP A 108 2.52 15.56 5.54
N SER A 109 2.12 16.28 6.59
CA SER A 109 0.73 16.73 6.79
C SER A 109 -0.04 17.18 5.54
N ASN A 110 0.50 18.11 4.78
CA ASN A 110 -0.12 18.46 3.50
C ASN A 110 0.51 17.73 2.32
N LYS A 111 -0.30 17.59 1.28
CA LYS A 111 0.16 16.98 0.08
C LYS A 111 1.16 17.93 -0.61
N LYS A 112 1.96 17.39 -1.52
CA LYS A 112 3.02 18.13 -2.16
C LYS A 112 2.54 18.37 -3.59
N ASP A 113 2.61 19.62 -4.03
CA ASP A 113 2.27 19.89 -5.44
C ASP A 113 3.37 19.37 -6.38
N LYS A 114 4.62 19.61 -6.02
CA LYS A 114 5.75 19.04 -6.73
C LYS A 114 6.42 18.02 -5.80
N VAL A 115 6.66 16.80 -6.27
CA VAL A 115 7.43 15.83 -5.50
C VAL A 115 8.79 15.69 -6.14
N ASN A 116 9.84 16.05 -5.43
CA ASN A 116 11.21 15.80 -5.87
C ASN A 116 11.67 14.46 -5.38
N PHE A 117 12.05 13.58 -6.27
CA PHE A 117 12.50 12.29 -5.70
C PHE A 117 13.81 11.82 -6.30
N ARG A 118 14.48 10.85 -5.66
CA ARG A 118 15.65 10.24 -6.30
C ARG A 118 15.49 8.77 -6.23
N TRP A 119 15.64 8.14 -7.37
CA TRP A 119 15.70 6.68 -7.41
C TRP A 119 17.16 6.23 -7.56
N ASN A 120 17.71 5.70 -6.49
CA ASN A 120 19.15 5.43 -6.47
C ASN A 120 19.38 3.92 -6.33
N ILE A 121 19.79 3.26 -7.43
CA ILE A 121 19.93 1.81 -7.36
C ILE A 121 21.34 1.44 -7.19
N GLU A 122 21.63 0.59 -6.22
CA GLU A 122 23.04 0.29 -6.02
C GLU A 122 23.38 -1.15 -6.38
N GLY A 123 22.44 -1.90 -6.93
CA GLY A 123 22.69 -3.30 -7.13
C GLY A 123 21.46 -4.06 -7.48
N ILE A 124 21.69 -5.18 -8.15
CA ILE A 124 20.66 -6.15 -8.48
C ILE A 124 21.16 -7.43 -7.95
N GLU A 125 20.49 -7.97 -6.95
CA GLU A 125 20.86 -9.28 -6.50
C GLU A 125 20.10 -10.20 -7.39
N ILE A 126 20.69 -11.37 -7.65
CA ILE A 126 20.11 -12.43 -8.43
C ILE A 126 20.23 -13.59 -7.46
N PRO A 127 19.19 -13.71 -6.64
CA PRO A 127 19.31 -14.77 -5.67
C PRO A 127 19.43 -16.13 -6.39
N ASP A 128 18.73 -16.36 -7.51
CA ASP A 128 18.83 -17.68 -8.18
C ASP A 128 20.31 -18.01 -8.38
N ARG A 129 21.10 -17.07 -8.90
CA ARG A 129 22.51 -17.31 -9.17
C ARG A 129 23.50 -16.80 -8.11
N LYS A 130 23.01 -16.46 -6.92
CA LYS A 130 23.84 -16.32 -5.67
C LYS A 130 24.82 -15.13 -5.63
N LYS A 131 24.39 -14.05 -6.25
CA LYS A 131 25.25 -13.15 -6.96
C LYS A 131 24.49 -11.84 -7.02
N SER A 132 25.21 -10.74 -7.24
CA SER A 132 24.56 -9.46 -7.45
C SER A 132 25.34 -8.83 -8.57
N ILE A 133 24.70 -7.88 -9.27
CA ILE A 133 25.38 -6.99 -10.17
C ILE A 133 25.55 -5.66 -9.44
N GLN A 134 26.80 -5.32 -9.16
CA GLN A 134 27.13 -4.06 -8.51
C GLN A 134 27.09 -2.88 -9.48
N GLY A 135 26.67 -1.72 -9.02
CA GLY A 135 26.88 -0.51 -9.80
C GLY A 135 25.99 0.59 -9.28
N HIS A 136 25.81 1.61 -10.10
CA HIS A 136 24.94 2.72 -9.81
C HIS A 136 23.98 2.99 -10.98
N TRP A 137 22.71 3.14 -10.70
CA TRP A 137 21.79 3.57 -11.71
C TRP A 137 20.94 4.55 -10.98
N ASN A 138 20.92 5.82 -11.39
CA ASN A 138 20.31 6.89 -10.61
C ASN A 138 19.38 7.71 -11.46
N PHE A 139 18.22 8.08 -10.91
CA PHE A 139 17.41 9.10 -11.53
C PHE A 139 17.07 10.08 -10.44
N ALA A 140 17.24 11.37 -10.77
CA ALA A 140 16.89 12.50 -9.90
C ALA A 140 15.87 13.36 -10.65
N LEU A 141 14.63 13.41 -10.23
CA LEU A 141 13.69 14.24 -10.99
C LEU A 141 12.50 14.74 -10.16
N THR A 142 11.84 15.80 -10.55
CA THR A 142 10.71 16.20 -9.70
C THR A 142 9.39 16.07 -10.53
N VAL A 143 8.31 15.60 -9.93
CA VAL A 143 7.03 15.48 -10.65
C VAL A 143 5.93 16.41 -10.10
N LYS A 144 5.19 17.08 -10.99
CA LYS A 144 3.96 17.76 -10.63
C LYS A 144 2.85 16.76 -10.31
N SER A 145 2.20 16.94 -9.18
CA SER A 145 1.09 16.07 -8.77
C SER A 145 -0.18 16.36 -9.53
N MET A 146 -0.96 15.33 -9.83
CA MET A 146 -2.33 15.58 -10.22
C MET A 146 -3.05 16.26 -9.05
N ASP A 147 -4.00 17.17 -9.34
CA ASP A 147 -4.89 17.76 -8.32
C ASP A 147 -5.86 16.80 -7.71
N SER A 148 -6.12 16.97 -6.43
CA SER A 148 -7.23 16.27 -5.80
C SER A 148 -8.05 17.16 -4.85
N LYS A 149 -9.36 16.86 -4.78
CA LYS A 149 -10.29 17.46 -3.84
C LYS A 149 -10.26 16.73 -2.53
N GLU A 150 -9.74 17.39 -1.49
CA GLU A 150 -9.77 16.81 -0.15
C GLU A 150 -10.69 17.54 0.75
N ARG A 151 -11.51 16.78 1.46
CA ARG A 151 -12.37 17.29 2.51
C ARG A 151 -11.90 16.69 3.81
N THR A 152 -11.94 17.47 4.88
CA THR A 152 -11.67 16.86 6.19
C THR A 152 -12.97 16.38 6.83
N ILE A 153 -12.99 15.09 7.18
CA ILE A 153 -14.18 14.40 7.69
C ILE A 153 -13.97 13.78 9.09
N GLY A 154 -15.06 13.42 9.75
CA GLY A 154 -15.01 12.73 11.04
C GLY A 154 -15.98 11.58 10.93
N GLY A 155 -16.24 10.88 12.03
CA GLY A 155 -17.06 9.69 11.94
C GLY A 155 -16.23 8.58 12.49
N SER A 156 -16.88 7.60 13.11
CA SER A 156 -16.20 6.58 13.86
C SER A 156 -17.17 5.46 14.24
N SER A 157 -16.66 4.29 14.59
CA SER A 157 -17.40 3.36 15.43
C SER A 157 -16.47 2.64 16.42
N GLU A 158 -16.97 2.40 17.62
CA GLU A 158 -16.22 1.67 18.63
C GLU A 158 -16.68 0.22 18.72
N LYS A 159 -16.02 -0.54 19.54
CA LYS A 159 -16.54 -1.78 20.05
C LYS A 159 -15.52 -2.19 21.07
N GLU A 160 -14.79 -3.23 20.75
CA GLU A 160 -14.15 -3.95 21.80
C GLU A 160 -13.10 -3.13 22.51
N GLY A 161 -13.08 -1.83 22.31
CA GLY A 161 -12.13 -1.00 23.01
C GLY A 161 -11.22 -0.14 22.15
N ILE A 162 -11.63 0.05 20.92
CA ILE A 162 -10.96 -0.51 19.77
C ILE A 162 -11.78 -0.04 18.63
N LYS A 163 -11.37 1.04 17.99
CA LYS A 163 -12.32 2.01 17.52
C LYS A 163 -11.72 2.75 16.36
N ALA A 164 -12.49 3.01 15.29
CA ALA A 164 -11.85 3.49 14.03
C ALA A 164 -12.28 4.90 13.69
N ASN A 165 -11.35 5.83 13.53
CA ASN A 165 -11.73 7.21 13.20
C ASN A 165 -11.36 7.66 11.82
N MET A 166 -12.36 8.09 11.07
CA MET A 166 -12.10 8.68 9.77
C MET A 166 -11.34 10.00 10.01
N GLU A 167 -10.63 10.49 9.01
CA GLU A 167 -9.88 11.76 9.19
C GLU A 167 -10.04 12.62 7.94
N LYS A 168 -9.85 12.00 6.79
CA LYS A 168 -9.82 12.78 5.58
C LYS A 168 -10.21 11.97 4.38
N VAL A 169 -10.70 12.64 3.36
CA VAL A 169 -10.94 11.93 2.12
C VAL A 169 -10.33 12.76 0.98
N ALA A 170 -9.78 12.12 -0.07
CA ALA A 170 -9.19 12.89 -1.17
C ALA A 170 -9.40 12.25 -2.54
N MET A 171 -9.90 13.00 -3.51
CA MET A 171 -10.42 12.39 -4.73
C MET A 171 -9.70 12.96 -5.95
N SER A 172 -8.87 12.14 -6.61
CA SER A 172 -8.25 12.51 -7.88
C SER A 172 -9.08 11.98 -9.01
N PRO A 173 -8.67 12.22 -10.23
CA PRO A 173 -9.48 11.75 -11.34
C PRO A 173 -9.41 10.21 -11.56
N VAL A 174 -8.43 9.63 -10.91
CA VAL A 174 -7.92 8.32 -11.25
C VAL A 174 -8.18 7.42 -10.02
N SER A 175 -8.22 8.04 -8.83
CA SER A 175 -8.26 7.29 -7.58
C SER A 175 -8.72 8.21 -6.46
N PHE A 176 -8.99 7.62 -5.30
CA PHE A 176 -9.34 8.40 -4.10
C PHE A 176 -8.76 7.83 -2.83
N ILE A 177 -8.50 8.65 -1.83
CA ILE A 177 -7.78 8.20 -0.58
C ILE A 177 -8.55 8.35 0.72
N LEU A 178 -8.60 7.31 1.51
CA LEU A 178 -9.16 7.45 2.88
C LEU A 178 -8.08 7.52 3.98
N TYR A 179 -8.02 8.64 4.67
CA TYR A 179 -7.15 8.76 5.80
C TYR A 179 -7.89 8.46 7.09
N TYR A 180 -7.27 7.69 7.93
CA TYR A 180 -7.91 7.35 9.18
C TYR A 180 -6.94 6.70 10.20
N ASN A 181 -7.47 6.33 11.37
CA ASN A 181 -6.62 5.78 12.46
C ASN A 181 -7.40 4.90 13.38
N GLN A 182 -6.68 4.01 14.08
CA GLN A 182 -7.26 3.09 15.04
C GLN A 182 -6.80 3.59 16.37
N GLU A 183 -7.71 3.48 17.34
CA GLU A 183 -7.42 3.59 18.79
C GLU A 183 -7.77 2.30 19.56
N VAL A 184 -6.91 1.93 20.51
CA VAL A 184 -7.05 0.74 21.35
C VAL A 184 -6.98 1.13 22.87
N SER A 185 -7.95 0.63 23.65
CA SER A 185 -8.06 0.99 25.07
C SER A 185 -7.12 0.18 25.93
N LYS A 186 -6.86 0.68 27.15
CA LYS A 186 -6.08 -0.11 28.13
C LYS A 186 -6.67 -1.53 28.31
N GLY A 187 -7.99 -1.66 28.42
CA GLY A 187 -8.62 -2.97 28.42
C GLY A 187 -8.08 -3.84 27.28
N ALA A 188 -8.38 -3.42 26.06
CA ALA A 188 -8.11 -4.19 24.84
C ALA A 188 -6.61 -4.46 24.58
N ARG A 189 -5.77 -3.44 24.80
CA ARG A 189 -4.31 -3.60 24.56
C ARG A 189 -3.80 -4.82 25.30
N LYS A 190 -4.46 -5.11 26.42
CA LYS A 190 -3.97 -6.08 27.35
C LYS A 190 -4.20 -7.49 26.88
N GLU A 191 -5.30 -7.72 26.18
CA GLU A 191 -5.52 -9.09 25.70
C GLU A 191 -5.07 -9.35 24.26
N TRP A 192 -4.39 -8.38 23.66
CA TRP A 192 -4.12 -8.39 22.23
C TRP A 192 -2.91 -7.54 21.89
N ASP A 193 -2.11 -8.01 20.93
CA ASP A 193 -0.80 -7.44 20.67
C ASP A 193 -0.63 -7.09 19.19
N SER A 194 -1.66 -7.38 18.39
CA SER A 194 -1.64 -7.04 16.98
C SER A 194 -3.05 -6.69 16.49
N VAL A 195 -3.51 -5.49 16.83
CA VAL A 195 -4.77 -4.97 16.29
C VAL A 195 -4.53 -4.27 14.95
N ASP A 196 -5.27 -4.71 13.93
CA ASP A 196 -5.05 -4.23 12.60
C ASP A 196 -6.39 -3.91 11.95
N VAL A 197 -6.61 -2.64 11.65
CA VAL A 197 -7.94 -2.17 11.18
C VAL A 197 -8.02 -1.91 9.68
N GLU A 198 -8.72 -2.78 8.98
CA GLU A 198 -8.90 -2.75 7.56
C GLU A 198 -10.23 -2.13 7.27
N LEU A 199 -10.35 -1.39 6.18
CA LEU A 199 -11.63 -0.87 5.72
C LEU A 199 -11.99 -1.43 4.37
N THR A 200 -13.27 -1.62 4.20
CA THR A 200 -13.84 -2.15 2.98
C THR A 200 -14.78 -1.07 2.58
N VAL A 201 -14.86 -0.79 1.29
CA VAL A 201 -15.58 0.39 0.83
C VAL A 201 -16.70 0.10 -0.17
N LYS A 202 -17.89 0.65 0.12
CA LYS A 202 -19.00 0.69 -0.85
C LYS A 202 -19.52 2.12 -0.99
N ASP A 203 -20.29 2.40 -2.04
CA ASP A 203 -21.05 3.65 -2.13
C ASP A 203 -22.55 3.39 -2.11
N ASP A 204 -23.33 4.47 -2.14
CA ASP A 204 -24.74 4.40 -1.80
C ASP A 204 -25.47 3.34 -2.61
N LEU A 205 -24.73 2.68 -3.50
CA LEU A 205 -25.09 2.63 -4.92
C LEU A 205 -24.95 1.22 -5.47
N GLY A 206 -24.45 0.31 -4.64
CA GLY A 206 -24.08 -1.02 -5.10
C GLY A 206 -22.59 -1.28 -4.96
N ASN A 207 -21.78 -0.33 -5.41
CA ASN A 207 -20.42 -0.62 -5.82
C ASN A 207 -19.44 -0.79 -4.72
N ASP A 208 -18.42 -1.58 -5.04
CA ASP A 208 -17.34 -1.90 -4.14
C ASP A 208 -16.08 -1.22 -4.68
N TYR A 209 -15.13 -0.92 -3.80
CA TYR A 209 -13.90 -0.34 -4.23
C TYR A 209 -12.72 -1.19 -3.76
N SER A 210 -11.97 -1.68 -4.76
CA SER A 210 -10.60 -2.15 -4.60
C SER A 210 -9.69 -1.00 -4.21
N GLY A 211 -8.74 -1.34 -3.33
CA GLY A 211 -7.86 -0.40 -2.70
C GLY A 211 -6.66 -1.10 -2.15
N GLU A 212 -5.71 -0.33 -1.62
CA GLU A 212 -4.43 -0.84 -1.17
C GLU A 212 -3.87 0.08 -0.12
N GLY A 213 -3.52 -0.41 1.06
CA GLY A 213 -2.88 0.42 2.08
C GLY A 213 -1.69 1.20 1.51
N ASN A 214 -1.34 2.33 2.13
CA ASN A 214 -0.17 3.13 1.76
C ASN A 214 0.74 3.21 2.93
N GLY A 215 0.42 2.48 4.00
CA GLY A 215 1.26 2.39 5.17
C GLY A 215 0.63 3.03 6.40
N GLY A 216 1.07 2.59 7.58
CA GLY A 216 0.68 3.16 8.86
C GLY A 216 1.85 3.55 9.76
N SER A 217 1.52 4.33 10.77
CA SER A 217 2.44 4.98 11.67
C SER A 217 1.79 5.14 13.03
N GLY A 218 2.60 5.11 14.09
CA GLY A 218 2.14 5.27 15.45
C GLY A 218 3.31 5.43 16.39
N ASN A 219 3.05 6.07 17.54
CA ASN A 219 4.03 6.18 18.62
C ASN A 219 3.86 5.11 19.64
N ASP A 220 2.79 4.35 19.51
CA ASP A 220 2.76 3.11 20.20
C ASP A 220 2.32 2.03 19.26
N PRO A 221 2.39 0.77 19.72
CA PRO A 221 2.15 -0.27 18.74
C PRO A 221 0.70 -0.37 18.28
N TYR A 222 -0.20 0.49 18.78
CA TYR A 222 -1.68 0.30 18.73
C TYR A 222 -2.44 1.40 18.06
N ASN A 223 -2.19 2.65 18.49
CA ASN A 223 -2.77 3.82 17.84
C ASN A 223 -2.02 4.24 16.55
N ILE A 224 -2.46 3.71 15.41
CA ILE A 224 -1.80 3.85 14.12
C ILE A 224 -2.66 4.75 13.18
N ARG A 225 -2.11 5.82 12.66
CA ARG A 225 -2.68 6.52 11.52
C ARG A 225 -2.32 5.73 10.30
N TRP A 226 -3.29 5.55 9.40
CA TRP A 226 -3.16 4.77 8.18
C TRP A 226 -3.74 5.56 7.05
N SER A 227 -3.53 5.09 5.84
CA SER A 227 -4.33 5.56 4.72
C SER A 227 -4.38 4.52 3.62
N ALA A 228 -5.43 4.53 2.79
CA ALA A 228 -5.47 3.54 1.71
C ALA A 228 -5.94 4.19 0.45
N THR A 229 -5.62 3.58 -0.67
CA THR A 229 -6.08 4.21 -1.91
C THR A 229 -7.04 3.32 -2.62
N PHE A 230 -8.08 3.89 -3.19
CA PHE A 230 -9.08 3.10 -3.85
C PHE A 230 -9.44 3.69 -5.21
N GLN A 231 -10.13 2.85 -5.98
CA GLN A 231 -10.56 3.05 -7.35
C GLN A 231 -11.20 4.39 -7.63
N LYS A 232 -11.08 4.85 -8.88
CA LYS A 232 -11.88 5.97 -9.37
C LYS A 232 -13.23 5.88 -8.69
N LEU A 233 -13.48 6.80 -7.76
CA LEU A 233 -14.81 7.05 -7.23
C LEU A 233 -15.90 7.21 -8.32
N ASN A 234 -17.00 6.49 -8.19
CA ASN A 234 -18.11 6.58 -9.17
C ASN A 234 -18.86 7.91 -9.15
N GLU A 235 -19.06 8.52 -10.31
CA GLU A 235 -19.52 9.94 -10.34
C GLU A 235 -20.92 10.19 -9.80
N ASN A 236 -21.77 9.15 -9.84
CA ASN A 236 -23.12 9.24 -9.35
C ASN A 236 -23.24 8.90 -7.86
N ALA A 237 -22.16 8.51 -7.22
CA ALA A 237 -22.15 8.21 -5.80
C ALA A 237 -22.29 9.48 -4.96
N THR A 238 -23.11 9.38 -3.92
CA THR A 238 -23.39 10.44 -2.94
C THR A 238 -22.68 10.18 -1.59
N LYS A 239 -22.54 8.91 -1.24
CA LYS A 239 -22.10 8.56 0.09
C LYS A 239 -21.25 7.29 -0.01
N LEU A 240 -20.21 7.22 0.83
CA LEU A 240 -19.41 6.01 1.01
C LEU A 240 -19.82 5.29 2.27
N ILE A 241 -19.97 3.97 2.16
CA ILE A 241 -20.27 3.14 3.33
C ILE A 241 -19.02 2.31 3.61
N VAL A 242 -18.45 2.58 4.78
CA VAL A 242 -17.14 2.05 5.12
C VAL A 242 -17.29 1.02 6.23
N THR A 243 -16.82 -0.20 5.99
CA THR A 243 -16.83 -1.13 7.10
C THR A 243 -15.39 -1.45 7.59
N PRO A 244 -15.11 -1.13 8.89
CA PRO A 244 -13.85 -1.47 9.56
C PRO A 244 -13.79 -2.94 9.98
N ARG A 245 -12.96 -3.72 9.31
CA ARG A 245 -12.63 -5.10 9.70
C ARG A 245 -11.49 -5.05 10.69
N VAL A 246 -11.59 -5.72 11.82
CA VAL A 246 -10.52 -5.60 12.82
C VAL A 246 -9.94 -6.98 13.08
N HIS A 247 -8.64 -7.17 12.86
CA HIS A 247 -8.01 -8.51 13.00
C HIS A 247 -7.06 -8.56 14.19
N LEU A 248 -7.53 -9.25 15.24
CA LEU A 248 -6.86 -9.33 16.51
C LEU A 248 -6.09 -10.63 16.65
N ARG A 249 -4.90 -10.54 17.23
CA ARG A 249 -4.01 -11.68 17.29
C ARG A 249 -3.22 -11.66 18.61
N VAL A 250 -2.64 -12.79 18.99
CA VAL A 250 -1.63 -12.79 20.06
C VAL A 250 -0.33 -13.47 19.59
N HIS A 256 0.44 -17.74 20.92
CA HIS A 256 0.86 -18.90 20.14
C HIS A 256 2.40 -18.91 19.88
N GLY A 257 2.96 -20.10 19.72
CA GLY A 257 4.19 -20.47 20.40
C GLY A 257 4.28 -21.96 20.68
N GLY A 258 3.83 -22.37 21.87
CA GLY A 258 2.99 -23.54 22.01
C GLY A 258 1.81 -23.29 22.93
N VAL A 259 1.30 -24.36 23.52
CA VAL A 259 -0.13 -24.49 23.78
C VAL A 259 -0.47 -25.86 24.36
N GLU A 260 -1.71 -26.02 24.78
CA GLU A 260 -2.07 -27.06 25.74
C GLU A 260 -3.38 -27.75 25.35
N TYR A 261 -3.47 -29.04 25.68
CA TYR A 261 -4.76 -29.72 25.77
C TYR A 261 -5.10 -30.07 27.21
N VAL A 262 -6.33 -29.76 27.62
CA VAL A 262 -6.81 -30.11 28.95
C VAL A 262 -8.07 -30.95 28.88
N ASN A 263 -7.91 -32.27 28.88
CA ASN A 263 -9.03 -33.18 28.72
C ASN A 263 -9.85 -33.30 30.00
N GLY A 264 -10.89 -32.48 30.09
CA GLY A 264 -11.23 -31.82 31.35
C GLY A 264 -12.58 -31.13 31.30
N LYS A 265 -13.12 -30.84 32.48
CA LYS A 265 -13.14 -31.79 33.59
C LYS A 265 -13.67 -33.14 33.13
N GLU A 266 -14.40 -33.15 32.02
CA GLU A 266 -14.69 -34.38 31.29
C GLU A 266 -16.08 -34.35 30.67
N LYS A 267 -16.15 -34.47 29.36
CA LYS A 267 -15.00 -34.89 28.57
C LYS A 267 -14.54 -33.78 27.63
N LYS A 268 -14.52 -32.55 28.14
CA LYS A 268 -14.66 -31.37 27.30
C LYS A 268 -13.30 -30.79 26.92
N ILE A 269 -13.20 -30.24 25.71
CA ILE A 269 -11.91 -29.88 25.13
C ILE A 269 -11.59 -28.41 25.38
N GLU A 270 -10.35 -28.14 25.75
CA GLU A 270 -10.00 -26.89 26.41
C GLU A 270 -8.50 -26.61 26.31
N VAL A 271 -8.15 -25.47 25.73
CA VAL A 271 -6.75 -25.14 25.46
C VAL A 271 -6.38 -23.87 26.28
N PRO A 272 -5.20 -23.83 26.88
CA PRO A 272 -4.57 -22.56 27.28
C PRO A 272 -3.38 -22.19 26.40
N ASN A 273 -3.43 -20.97 25.86
CA ASN A 273 -4.58 -20.11 26.08
C ASN A 273 -5.72 -20.52 25.17
N LYS A 274 -6.89 -19.93 25.40
CA LYS A 274 -8.10 -20.33 24.68
C LYS A 274 -7.90 -20.27 23.17
N GLU A 275 -8.07 -21.40 22.51
CA GLU A 275 -7.46 -21.63 21.21
C GLU A 275 -8.21 -20.90 20.10
N ALA A 276 -9.50 -20.67 20.31
CA ALA A 276 -10.28 -19.81 19.43
C ALA A 276 -10.26 -18.37 19.90
N LYS A 277 -10.12 -18.17 21.20
CA LYS A 277 -10.02 -16.83 21.77
C LYS A 277 -9.04 -15.96 20.97
N LYS A 278 -7.78 -16.38 20.93
CA LYS A 278 -6.66 -15.48 21.13
C LYS A 278 -6.08 -15.04 19.79
N LYS A 279 -6.83 -15.25 18.72
CA LYS A 279 -6.64 -14.48 17.49
C LYS A 279 -7.92 -14.44 16.67
N ASP A 280 -8.67 -13.34 16.80
CA ASP A 280 -9.91 -13.13 15.98
C ASP A 280 -10.10 -11.90 15.03
N ILE A 281 -11.23 -11.87 14.33
CA ILE A 281 -11.62 -10.83 13.41
C ILE A 281 -13.03 -10.30 13.83
N VAL A 282 -13.20 -8.97 13.96
CA VAL A 282 -14.51 -8.32 14.28
C VAL A 282 -14.89 -7.19 13.26
N LEU A 283 -16.08 -6.54 13.36
CA LEU A 283 -16.58 -5.48 12.42
C LEU A 283 -17.36 -4.30 13.03
N ASP A 284 -17.67 -3.25 12.24
CA ASP A 284 -18.44 -2.02 12.69
C ASP A 284 -19.32 -1.30 11.60
N ASP A 285 -19.24 0.03 11.37
CA ASP A 285 -19.80 0.64 10.10
C ASP A 285 -20.15 2.14 9.84
N ILE A 286 -19.40 2.82 8.95
CA ILE A 286 -19.44 4.30 8.79
C ILE A 286 -19.90 4.94 7.47
N VAL A 287 -20.63 6.06 7.57
CA VAL A 287 -21.18 6.80 6.44
C VAL A 287 -20.59 8.18 6.20
N ILE A 288 -19.98 8.32 5.04
CA ILE A 288 -19.29 9.49 4.65
C ILE A 288 -20.04 10.18 3.52
N ASP A 289 -20.43 11.43 3.74
CA ASP A 289 -20.98 12.27 2.70
C ASP A 289 -19.89 12.69 1.72
N LEU A 290 -19.90 12.17 0.49
CA LEU A 290 -19.27 12.91 -0.57
C LEU A 290 -20.12 14.19 -0.58
N LYS A 291 -19.49 15.34 -0.35
CA LYS A 291 -20.29 16.57 -0.33
C LYS A 291 -19.49 17.71 -0.90
#